data_5I8A
#
_entry.id   5I8A
#
_cell.length_a   75.884
_cell.length_b   75.884
_cell.length_c   112.712
_cell.angle_alpha   90.000
_cell.angle_beta   90.000
_cell.angle_gamma   120.000
#
_symmetry.space_group_name_H-M   'P 64'
#
loop_
_entity.id
_entity.type
_entity.pdbx_description
1 polymer 'High affinity nerve growth factor receptor'
2 non-polymer (6R)-3-(methylsulfanyl)-6-phenyl-1-(1H-pyrazol-3-yl)-6,7-dihydrothieno[3,4-c]pyridin-4(5H)-one
3 non-polymer 'CHLORIDE ION'
4 non-polymer 'ACETATE ION'
5 water water
#
_entity_poly.entity_id   1
_entity_poly.type   'polypeptide(L)'
_entity_poly.pdbx_seq_one_letter_code
;SDACVHHIKRRDIVLKWELGEGAFGKVFLAECHNLLPEQDKMLVAVKALKEASESARQDFQREAELLTMLQHQHIVRFFG
VCTEGRPLLMVFEYMRHGDLNRFLRSHGPDAKLLAGGEDVAPGPLGLGQLLAVASQVAAGMVYLAGLHFVHRDLATRNCL
VGQGLVVKIGDFGMSRDIYSTDYYRVGGRTMLPIRWMPPESILYRKFTTESDVWSFGVVLWEIFTYGKQPWYQLSNTEAI
DCITQGRELERPRACPPEVYAIMRGCWQREPQQRHSIKDVHARLQALAQAHHHHHH
;
_entity_poly.pdbx_strand_id   A
#
# COMPACT_ATOMS: atom_id res chain seq x y z
N CYS A 4 -21.34 -1.95 -15.85
CA CYS A 4 -21.08 -3.16 -15.08
C CYS A 4 -19.69 -3.79 -15.37
N VAL A 5 -19.46 -5.04 -14.91
CA VAL A 5 -18.23 -5.82 -15.02
C VAL A 5 -17.89 -6.21 -16.48
N HIS A 6 -16.66 -5.86 -16.94
CA HIS A 6 -16.16 -6.19 -18.28
C HIS A 6 -15.66 -7.63 -18.29
N HIS A 7 -16.01 -8.38 -19.34
CA HIS A 7 -15.59 -9.78 -19.45
C HIS A 7 -14.52 -9.95 -20.52
N ILE A 8 -13.55 -10.84 -20.26
CA ILE A 8 -12.40 -11.13 -21.11
C ILE A 8 -12.38 -12.61 -21.51
N LYS A 9 -12.17 -12.88 -22.82
CA LYS A 9 -12.10 -14.24 -23.37
C LYS A 9 -10.77 -14.86 -22.93
N ARG A 10 -10.81 -16.11 -22.41
CA ARG A 10 -9.64 -16.86 -21.94
C ARG A 10 -8.51 -16.98 -22.99
N ARG A 11 -8.90 -17.05 -24.27
CA ARG A 11 -8.03 -17.14 -25.44
C ARG A 11 -7.08 -15.92 -25.52
N ASP A 12 -7.57 -14.75 -25.11
CA ASP A 12 -6.83 -13.48 -25.12
C ASP A 12 -5.81 -13.32 -23.95
N ILE A 13 -5.80 -14.24 -22.97
CA ILE A 13 -4.86 -14.19 -21.84
C ILE A 13 -3.75 -15.23 -22.00
N VAL A 14 -2.51 -14.77 -22.29
CA VAL A 14 -1.35 -15.65 -22.44
C VAL A 14 -0.41 -15.48 -21.24
N LEU A 15 -0.43 -16.44 -20.32
CA LEU A 15 0.41 -16.46 -19.12
C LEU A 15 1.89 -16.54 -19.47
N LYS A 16 2.73 -15.88 -18.65
CA LYS A 16 4.19 -15.87 -18.83
C LYS A 16 4.85 -16.61 -17.68
N TRP A 17 4.60 -16.16 -16.43
CA TRP A 17 5.11 -16.74 -15.18
C TRP A 17 4.31 -16.26 -13.95
N GLU A 18 4.66 -16.79 -12.76
CA GLU A 18 4.01 -16.43 -11.49
C GLU A 18 4.75 -15.31 -10.79
N LEU A 19 3.98 -14.44 -10.09
CA LEU A 19 4.52 -13.29 -9.36
C LEU A 19 4.58 -13.47 -7.84
N GLY A 20 3.69 -14.29 -7.29
CA GLY A 20 3.60 -14.56 -5.87
C GLY A 20 2.23 -15.09 -5.46
N GLU A 21 2.14 -15.63 -4.22
CA GLU A 21 0.89 -16.17 -3.67
C GLU A 21 0.47 -15.46 -2.39
N GLY A 25 -4.89 -18.87 -4.12
CA GLY A 25 -4.81 -17.68 -4.95
C GLY A 25 -3.41 -17.44 -5.51
N LYS A 26 -3.27 -17.52 -6.85
CA LYS A 26 -2.02 -17.30 -7.59
C LYS A 26 -2.15 -16.06 -8.47
N VAL A 27 -1.12 -15.19 -8.49
CA VAL A 27 -1.07 -13.98 -9.32
C VAL A 27 0.05 -14.15 -10.37
N PHE A 28 -0.32 -14.07 -11.67
CA PHE A 28 0.61 -14.22 -12.79
C PHE A 28 0.80 -12.97 -13.64
N LEU A 29 1.96 -12.87 -14.32
CA LEU A 29 2.26 -11.86 -15.30
C LEU A 29 1.75 -12.50 -16.60
N ALA A 30 1.07 -11.72 -17.45
CA ALA A 30 0.54 -12.22 -18.71
C ALA A 30 0.46 -11.15 -19.78
N GLU A 31 0.18 -11.54 -21.03
CA GLU A 31 -0.06 -10.62 -22.13
C GLU A 31 -1.54 -10.75 -22.48
N CYS A 32 -2.21 -9.63 -22.71
CA CYS A 32 -3.63 -9.59 -23.06
C CYS A 32 -3.83 -8.97 -24.44
N HIS A 33 -4.80 -9.52 -25.19
CA HIS A 33 -5.12 -9.06 -26.53
C HIS A 33 -6.49 -8.39 -26.50
N ASN A 34 -6.55 -7.11 -26.91
CA ASN A 34 -7.72 -6.23 -26.95
C ASN A 34 -8.28 -5.94 -25.54
N LYS A 41 -1.56 -7.00 -28.02
CA LYS A 41 -0.47 -7.11 -27.05
C LYS A 41 -0.52 -5.99 -26.02
N MET A 42 -0.35 -6.36 -24.72
CA MET A 42 -0.37 -5.50 -23.53
C MET A 42 -0.03 -6.37 -22.32
N LEU A 43 0.86 -5.91 -21.42
CA LEU A 43 1.20 -6.67 -20.21
C LEU A 43 0.16 -6.44 -19.14
N VAL A 44 -0.19 -7.50 -18.39
CA VAL A 44 -1.20 -7.47 -17.32
C VAL A 44 -0.84 -8.42 -16.17
N ALA A 45 -1.46 -8.20 -15.01
CA ALA A 45 -1.31 -9.05 -13.83
C ALA A 45 -2.66 -9.74 -13.69
N VAL A 46 -2.64 -11.08 -13.65
CA VAL A 46 -3.83 -11.91 -13.57
C VAL A 46 -3.93 -12.65 -12.23
N LYS A 47 -5.08 -12.52 -11.55
CA LYS A 47 -5.34 -13.19 -10.28
C LYS A 47 -6.26 -14.40 -10.53
N ALA A 48 -5.82 -15.57 -10.07
CA ALA A 48 -6.55 -16.83 -10.20
C ALA A 48 -6.76 -17.43 -8.80
N LEU A 49 -8.04 -17.70 -8.43
CA LEU A 49 -8.37 -18.24 -7.09
C LEU A 49 -8.92 -19.68 -7.09
N LYS A 50 -8.57 -20.45 -6.03
CA LYS A 50 -9.00 -21.83 -5.83
C LYS A 50 -10.39 -21.90 -5.18
N ASP A 59 -18.15 -14.54 -3.39
CA ASP A 59 -17.25 -13.48 -2.91
C ASP A 59 -16.40 -12.86 -4.03
N PHE A 60 -16.25 -13.60 -5.15
CA PHE A 60 -15.52 -13.17 -6.35
C PHE A 60 -16.38 -12.13 -7.06
N GLN A 61 -17.69 -12.45 -7.26
CA GLN A 61 -18.68 -11.61 -7.92
C GLN A 61 -18.85 -10.27 -7.21
N ARG A 62 -18.82 -10.27 -5.87
CA ARG A 62 -18.94 -9.08 -5.05
C ARG A 62 -17.72 -8.19 -5.27
N GLU A 63 -16.51 -8.79 -5.23
CA GLU A 63 -15.23 -8.12 -5.45
C GLU A 63 -15.12 -7.54 -6.87
N ALA A 64 -15.54 -8.31 -7.90
CA ALA A 64 -15.49 -7.85 -9.29
C ALA A 64 -16.25 -6.53 -9.48
N GLU A 65 -17.50 -6.46 -8.94
CA GLU A 65 -18.41 -5.29 -8.98
C GLU A 65 -17.82 -4.10 -8.21
N LEU A 66 -17.15 -4.39 -7.07
CA LEU A 66 -16.47 -3.41 -6.22
C LEU A 66 -15.29 -2.77 -6.98
N LEU A 67 -14.40 -3.61 -7.55
CA LEU A 67 -13.21 -3.18 -8.31
C LEU A 67 -13.57 -2.45 -9.60
N THR A 68 -14.75 -2.71 -10.19
CA THR A 68 -15.25 -2.03 -11.39
C THR A 68 -15.66 -0.60 -10.99
N MET A 69 -16.19 -0.46 -9.75
CA MET A 69 -16.67 0.77 -9.12
C MET A 69 -15.55 1.72 -8.68
N LEU A 70 -14.49 1.18 -8.03
CA LEU A 70 -13.35 1.96 -7.55
C LEU A 70 -12.46 2.36 -8.73
N GLN A 71 -12.66 3.58 -9.27
CA GLN A 71 -11.89 4.08 -10.41
C GLN A 71 -11.16 5.38 -10.06
N HIS A 72 -9.83 5.30 -9.98
CA HIS A 72 -9.00 6.45 -9.63
C HIS A 72 -7.57 6.28 -10.10
N GLN A 73 -6.89 7.40 -10.39
CA GLN A 73 -5.49 7.46 -10.84
C GLN A 73 -4.53 6.76 -9.85
N HIS A 74 -4.88 6.71 -8.55
CA HIS A 74 -4.01 6.10 -7.56
C HIS A 74 -4.58 4.78 -6.96
N ILE A 75 -5.43 4.12 -7.73
CA ILE A 75 -5.97 2.83 -7.39
C ILE A 75 -5.58 1.99 -8.61
N VAL A 76 -4.94 0.81 -8.40
CA VAL A 76 -4.52 -0.09 -9.48
C VAL A 76 -5.73 -0.33 -10.43
N ARG A 77 -5.51 -0.19 -11.77
CA ARG A 77 -6.58 -0.39 -12.74
C ARG A 77 -6.99 -1.84 -12.87
N PHE A 78 -8.29 -2.07 -12.81
CA PHE A 78 -8.94 -3.36 -12.95
C PHE A 78 -9.51 -3.35 -14.36
N PHE A 79 -9.25 -4.40 -15.15
CA PHE A 79 -9.69 -4.49 -16.56
C PHE A 79 -10.91 -5.37 -16.77
N GLY A 80 -11.12 -6.31 -15.87
CA GLY A 80 -12.26 -7.20 -15.96
C GLY A 80 -12.01 -8.59 -15.44
N VAL A 81 -12.96 -9.49 -15.77
CA VAL A 81 -12.91 -10.87 -15.33
C VAL A 81 -13.00 -11.88 -16.49
N CYS A 82 -12.64 -13.13 -16.18
CA CYS A 82 -12.74 -14.24 -17.10
C CYS A 82 -13.51 -15.31 -16.32
N THR A 83 -14.82 -15.45 -16.64
CA THR A 83 -15.76 -16.38 -16.00
C THR A 83 -16.10 -17.58 -16.93
N GLU A 84 -15.05 -18.16 -17.56
CA GLU A 84 -15.15 -19.31 -18.46
C GLU A 84 -14.01 -20.30 -18.18
N GLY A 85 -14.37 -21.42 -17.57
CA GLY A 85 -13.41 -22.46 -17.20
C GLY A 85 -12.89 -22.28 -15.80
N ARG A 86 -11.82 -23.00 -15.45
CA ARG A 86 -11.22 -22.94 -14.13
C ARG A 86 -9.73 -22.60 -14.17
N PRO A 87 -9.26 -21.67 -13.30
CA PRO A 87 -10.01 -20.92 -12.27
C PRO A 87 -10.68 -19.66 -12.82
N LEU A 88 -11.39 -18.92 -11.95
CA LEU A 88 -12.01 -17.65 -12.33
C LEU A 88 -10.84 -16.65 -12.34
N LEU A 89 -10.82 -15.70 -13.28
CA LEU A 89 -9.70 -14.76 -13.36
C LEU A 89 -10.08 -13.30 -13.19
N MET A 90 -9.16 -12.53 -12.58
CA MET A 90 -9.25 -11.08 -12.36
C MET A 90 -8.01 -10.46 -13.01
N VAL A 91 -8.24 -9.57 -13.99
CA VAL A 91 -7.20 -8.89 -14.78
C VAL A 91 -6.97 -7.45 -14.31
N PHE A 92 -5.71 -7.14 -13.97
CA PHE A 92 -5.24 -5.84 -13.49
C PHE A 92 -4.09 -5.35 -14.34
N GLU A 93 -3.81 -4.02 -14.31
CA GLU A 93 -2.66 -3.46 -15.02
C GLU A 93 -1.37 -4.02 -14.37
N TYR A 94 -0.30 -4.13 -15.15
CA TYR A 94 0.97 -4.63 -14.65
C TYR A 94 1.77 -3.44 -14.07
N MET A 95 2.23 -3.56 -12.82
CA MET A 95 3.02 -2.50 -12.13
C MET A 95 4.43 -3.05 -12.02
N ARG A 96 5.28 -2.68 -13.01
CA ARG A 96 6.67 -3.13 -13.23
C ARG A 96 7.59 -3.18 -12.03
N HIS A 97 7.57 -2.11 -11.19
CA HIS A 97 8.46 -2.00 -10.05
C HIS A 97 7.97 -2.69 -8.77
N GLY A 98 6.89 -3.47 -8.89
CA GLY A 98 6.32 -4.28 -7.80
C GLY A 98 5.70 -3.58 -6.61
N ASP A 99 5.67 -4.27 -5.46
CA ASP A 99 5.08 -3.69 -4.26
C ASP A 99 5.98 -2.61 -3.66
N LEU A 100 5.33 -1.56 -3.09
CA LEU A 100 6.02 -0.40 -2.50
C LEU A 100 7.00 -0.79 -1.35
N ASN A 101 6.72 -1.84 -0.58
CA ASN A 101 7.66 -2.23 0.47
C ASN A 101 9.01 -2.68 -0.09
N ARG A 102 8.97 -3.55 -1.10
CA ARG A 102 10.17 -4.06 -1.78
C ARG A 102 10.91 -2.93 -2.50
N PHE A 103 10.18 -2.03 -3.17
CA PHE A 103 10.74 -0.88 -3.89
C PHE A 103 11.54 0.00 -2.90
N LEU A 104 10.95 0.31 -1.72
CA LEU A 104 11.59 1.13 -0.68
C LEU A 104 12.90 0.51 -0.17
N ARG A 105 12.86 -0.78 0.12
CA ARG A 105 14.00 -1.55 0.63
C ARG A 105 15.14 -1.66 -0.40
N SER A 106 14.82 -1.67 -1.70
CA SER A 106 15.82 -1.77 -2.77
C SER A 106 16.31 -0.42 -3.26
N HIS A 107 15.64 0.69 -2.85
CA HIS A 107 16.02 2.06 -3.19
C HIS A 107 16.29 2.87 -1.89
N GLY A 108 16.91 2.19 -0.91
CA GLY A 108 17.26 2.71 0.40
C GLY A 108 18.74 3.00 0.57
N PRO A 109 19.24 3.22 1.80
CA PRO A 109 20.67 3.54 1.99
C PRO A 109 21.69 2.52 1.47
N ASP A 110 21.32 1.25 1.39
CA ASP A 110 22.19 0.17 0.90
C ASP A 110 21.88 -0.21 -0.59
N ALA A 111 21.26 0.72 -1.36
CA ALA A 111 20.87 0.49 -2.76
C ALA A 111 22.03 0.12 -3.67
N LYS A 112 23.21 0.74 -3.46
CA LYS A 112 24.42 0.47 -4.28
C LYS A 112 24.87 -0.99 -4.14
N LEU A 113 24.87 -1.54 -2.90
CA LEU A 113 25.24 -2.93 -2.61
C LEU A 113 24.22 -3.90 -3.25
N LEU A 114 22.93 -3.61 -3.09
CA LEU A 114 21.86 -4.45 -3.62
C LEU A 114 21.66 -4.35 -5.14
N ALA A 115 22.11 -3.26 -5.77
CA ALA A 115 21.88 -3.08 -7.20
C ALA A 115 22.67 -3.97 -8.14
N GLY A 116 22.03 -4.30 -9.25
CA GLY A 116 22.62 -5.06 -10.35
C GLY A 116 23.41 -4.07 -11.20
N GLY A 117 24.35 -4.60 -11.98
CA GLY A 117 25.25 -3.82 -12.84
C GLY A 117 24.61 -2.77 -13.74
N GLU A 118 23.50 -3.13 -14.39
CA GLU A 118 22.76 -2.27 -15.31
C GLU A 118 21.82 -1.20 -14.65
N ASP A 119 21.49 -1.33 -13.34
CA ASP A 119 20.60 -0.41 -12.61
C ASP A 119 20.92 1.06 -12.83
N VAL A 120 19.87 1.86 -13.05
CA VAL A 120 20.00 3.29 -13.30
C VAL A 120 20.18 4.07 -11.98
N ALA A 121 21.20 4.95 -11.92
CA ALA A 121 21.60 5.80 -10.79
C ALA A 121 21.24 5.17 -9.42
N PRO A 122 21.87 4.01 -9.06
CA PRO A 122 21.51 3.36 -7.78
C PRO A 122 21.89 4.23 -6.58
N GLY A 123 21.01 4.26 -5.61
CA GLY A 123 21.21 5.04 -4.40
C GLY A 123 19.89 5.24 -3.69
N PRO A 124 19.88 5.84 -2.47
CA PRO A 124 18.60 6.01 -1.78
C PRO A 124 17.73 7.06 -2.42
N LEU A 125 16.39 6.89 -2.29
CA LEU A 125 15.45 7.87 -2.80
C LEU A 125 15.67 9.14 -2.00
N GLY A 126 15.56 10.28 -2.67
CA GLY A 126 15.68 11.57 -1.99
C GLY A 126 14.35 12.01 -1.43
N LEU A 127 14.36 13.12 -0.64
CA LEU A 127 13.20 13.75 0.02
C LEU A 127 12.02 13.97 -0.92
N GLY A 128 12.28 14.63 -2.06
CA GLY A 128 11.28 14.90 -3.09
C GLY A 128 10.56 13.65 -3.57
N GLN A 129 11.31 12.53 -3.77
CA GLN A 129 10.77 11.25 -4.22
C GLN A 129 9.93 10.58 -3.11
N LEU A 130 10.43 10.63 -1.85
CA LEU A 130 9.74 10.09 -0.70
C LEU A 130 8.42 10.85 -0.48
N LEU A 131 8.41 12.20 -0.65
CA LEU A 131 7.20 13.02 -0.51
C LEU A 131 6.21 12.75 -1.65
N ALA A 132 6.69 12.51 -2.88
CA ALA A 132 5.82 12.22 -4.03
C ALA A 132 5.17 10.82 -3.89
N VAL A 133 5.88 9.86 -3.28
CA VAL A 133 5.35 8.52 -3.02
C VAL A 133 4.20 8.67 -1.98
N ALA A 134 4.49 9.40 -0.86
CA ALA A 134 3.56 9.63 0.24
C ALA A 134 2.31 10.36 -0.21
N SER A 135 2.47 11.37 -1.06
CA SER A 135 1.34 12.16 -1.57
C SER A 135 0.39 11.35 -2.46
N GLN A 136 0.94 10.44 -3.30
CA GLN A 136 0.16 9.60 -4.21
C GLN A 136 -0.68 8.56 -3.41
N VAL A 137 -0.11 7.97 -2.32
CA VAL A 137 -0.83 7.02 -1.46
C VAL A 137 -1.97 7.80 -0.77
N ALA A 138 -1.67 9.04 -0.30
CA ALA A 138 -2.66 9.91 0.36
C ALA A 138 -3.81 10.24 -0.60
N ALA A 139 -3.50 10.62 -1.89
CA ALA A 139 -4.50 10.91 -2.93
C ALA A 139 -5.48 9.74 -3.11
N GLY A 140 -4.95 8.52 -3.14
CA GLY A 140 -5.75 7.29 -3.25
C GLY A 140 -6.67 7.12 -2.04
N MET A 141 -6.17 7.42 -0.82
CA MET A 141 -6.94 7.33 0.43
C MET A 141 -7.98 8.45 0.54
N VAL A 142 -7.73 9.61 -0.09
CA VAL A 142 -8.72 10.71 -0.12
C VAL A 142 -9.93 10.22 -0.94
N TYR A 143 -9.67 9.55 -2.09
CA TYR A 143 -10.72 9.04 -2.96
C TYR A 143 -11.56 8.02 -2.23
N LEU A 144 -10.93 7.03 -1.60
CA LEU A 144 -11.63 6.00 -0.84
C LEU A 144 -12.50 6.57 0.33
N ALA A 145 -11.96 7.53 1.11
CA ALA A 145 -12.69 8.18 2.21
C ALA A 145 -13.92 8.93 1.68
N GLY A 146 -13.79 9.58 0.51
CA GLY A 146 -14.89 10.30 -0.12
C GLY A 146 -16.05 9.37 -0.51
N LEU A 147 -15.75 8.09 -0.70
CA LEU A 147 -16.71 7.03 -1.04
C LEU A 147 -17.16 6.26 0.20
N HIS A 148 -16.71 6.67 1.42
CA HIS A 148 -17.00 6.04 2.72
C HIS A 148 -16.53 4.59 2.70
N PHE A 149 -15.41 4.35 2.00
CA PHE A 149 -14.81 3.04 1.87
C PHE A 149 -13.63 2.93 2.82
N VAL A 150 -13.64 1.90 3.67
CA VAL A 150 -12.60 1.62 4.67
C VAL A 150 -11.73 0.50 4.09
N HIS A 151 -10.42 0.76 3.92
CA HIS A 151 -9.46 -0.18 3.36
C HIS A 151 -9.19 -1.36 4.30
N ARG A 152 -8.82 -1.08 5.57
CA ARG A 152 -8.57 -2.05 6.66
C ARG A 152 -7.16 -2.61 6.66
N ASP A 153 -6.45 -2.54 5.52
CA ASP A 153 -5.10 -3.10 5.48
C ASP A 153 -4.15 -2.20 4.69
N LEU A 154 -4.16 -0.87 4.95
CA LEU A 154 -3.24 0.04 4.28
C LEU A 154 -1.82 -0.19 4.88
N ALA A 155 -0.83 -0.45 3.99
CA ALA A 155 0.58 -0.74 4.28
C ALA A 155 1.29 -0.65 2.94
N THR A 156 2.62 -0.40 2.95
CA THR A 156 3.40 -0.29 1.71
C THR A 156 3.35 -1.62 0.92
N ARG A 157 3.24 -2.79 1.60
CA ARG A 157 3.13 -4.10 0.92
C ARG A 157 1.85 -4.16 0.05
N ASN A 158 0.85 -3.30 0.33
CA ASN A 158 -0.41 -3.28 -0.42
C ASN A 158 -0.45 -2.17 -1.47
N CYS A 159 0.66 -1.46 -1.68
CA CYS A 159 0.75 -0.43 -2.70
C CYS A 159 1.68 -0.94 -3.79
N LEU A 160 1.47 -0.47 -5.02
CA LEU A 160 2.26 -0.87 -6.16
C LEU A 160 2.95 0.29 -6.87
N VAL A 161 4.13 -0.02 -7.45
CA VAL A 161 4.93 0.96 -8.14
C VAL A 161 5.10 0.63 -9.63
N GLY A 162 4.78 1.60 -10.47
CA GLY A 162 4.94 1.51 -11.91
C GLY A 162 6.06 2.43 -12.35
N GLN A 163 6.45 2.39 -13.61
CA GLN A 163 7.53 3.23 -14.17
C GLN A 163 7.24 4.72 -14.05
N GLY A 164 8.27 5.49 -13.65
CA GLY A 164 8.14 6.93 -13.45
C GLY A 164 7.67 7.30 -12.05
N LEU A 165 7.91 6.43 -11.04
CA LEU A 165 7.50 6.65 -9.63
C LEU A 165 5.98 6.87 -9.47
N VAL A 166 5.18 6.09 -10.22
CA VAL A 166 3.72 6.14 -10.16
C VAL A 166 3.35 5.13 -9.06
N VAL A 167 2.68 5.60 -8.01
CA VAL A 167 2.32 4.78 -6.88
C VAL A 167 0.81 4.65 -6.79
N LYS A 168 0.33 3.41 -6.66
CA LYS A 168 -1.12 3.15 -6.58
C LYS A 168 -1.44 2.16 -5.46
N ILE A 169 -2.61 2.33 -4.82
CA ILE A 169 -3.08 1.39 -3.80
C ILE A 169 -3.59 0.14 -4.52
N GLY A 170 -3.02 -1.01 -4.18
CA GLY A 170 -3.32 -2.29 -4.80
C GLY A 170 -4.31 -3.11 -4.03
N ASP A 171 -3.85 -4.25 -3.48
CA ASP A 171 -4.61 -5.22 -2.66
C ASP A 171 -5.38 -4.47 -1.58
N PHE A 172 -6.59 -4.97 -1.24
CA PHE A 172 -7.45 -4.38 -0.21
C PHE A 172 -7.39 -5.18 1.10
N GLY A 173 -6.44 -6.11 1.17
CA GLY A 173 -6.22 -6.96 2.33
C GLY A 173 -5.13 -7.98 2.15
N SER A 175 -1.00 -11.19 3.02
CA SER A 175 -1.07 -10.40 1.79
C SER A 175 -0.60 -11.29 0.61
N ARG A 176 0.72 -11.24 0.28
CA ARG A 176 1.33 -12.05 -0.78
C ARG A 176 2.04 -13.27 -0.13
N ASP A 177 1.73 -13.51 1.16
CA ASP A 177 2.21 -14.59 2.05
C ASP A 177 3.65 -14.40 2.51
N ILE A 178 4.47 -13.64 1.74
CA ILE A 178 5.87 -13.35 2.12
C ILE A 178 5.87 -12.27 3.23
N TYR A 179 4.67 -11.72 3.51
CA TYR A 179 4.41 -10.71 4.52
C TYR A 179 3.55 -11.23 5.67
N SER A 180 3.51 -12.58 5.85
CA SER A 180 2.73 -13.24 6.93
C SER A 180 3.17 -12.75 8.34
N THR A 181 4.47 -12.39 8.48
CA THR A 181 5.09 -11.83 9.70
C THR A 181 4.44 -10.47 10.12
N ASP A 182 3.72 -9.82 9.19
CA ASP A 182 3.03 -8.54 9.39
C ASP A 182 1.63 -8.76 9.89
N TYR A 183 1.23 -10.04 10.13
CA TYR A 183 -0.11 -10.36 10.61
C TYR A 183 -0.09 -11.17 11.86
N TYR A 184 -1.02 -10.88 12.74
CA TYR A 184 -1.17 -11.56 14.03
C TYR A 184 -2.49 -12.35 14.01
N ARG A 185 -2.46 -13.61 14.45
CA ARG A 185 -3.65 -14.46 14.50
C ARG A 185 -4.42 -14.23 15.81
N VAL A 186 -5.71 -13.89 15.67
CA VAL A 186 -6.65 -13.64 16.77
C VAL A 186 -7.70 -14.75 16.84
N THR A 190 -8.42 -15.38 10.58
CA THR A 190 -8.56 -13.98 11.02
C THR A 190 -7.16 -13.39 11.41
N MET A 191 -6.46 -12.89 10.38
CA MET A 191 -5.13 -12.31 10.47
C MET A 191 -5.25 -10.79 10.55
N LEU A 192 -4.67 -10.19 11.60
CA LEU A 192 -4.73 -8.74 11.76
C LEU A 192 -3.39 -8.05 11.63
N PRO A 193 -3.28 -7.00 10.76
CA PRO A 193 -2.01 -6.25 10.63
C PRO A 193 -1.83 -5.28 11.82
N ILE A 194 -1.73 -5.83 13.05
CA ILE A 194 -1.70 -5.09 14.32
C ILE A 194 -0.70 -3.91 14.36
N ARG A 195 0.49 -4.00 13.67
CA ARG A 195 1.49 -2.92 13.68
C ARG A 195 1.03 -1.65 12.98
N TRP A 196 0.05 -1.75 12.06
CA TRP A 196 -0.51 -0.62 11.33
C TRP A 196 -1.84 -0.18 11.94
N MET A 197 -2.26 -0.85 13.01
CA MET A 197 -3.58 -0.59 13.58
C MET A 197 -3.64 0.30 14.82
N PRO A 198 -4.68 1.16 14.96
CA PRO A 198 -4.80 1.99 16.19
C PRO A 198 -5.34 1.13 17.34
N PRO A 199 -5.31 1.62 18.60
CA PRO A 199 -5.83 0.79 19.71
C PRO A 199 -7.28 0.30 19.61
N GLU A 200 -8.21 1.08 19.03
CA GLU A 200 -9.63 0.67 18.97
C GLU A 200 -9.85 -0.48 18.00
N SER A 201 -8.99 -0.60 16.99
CA SER A 201 -9.00 -1.68 15.99
C SER A 201 -8.40 -2.94 16.59
N ILE A 202 -7.28 -2.80 17.36
CA ILE A 202 -6.66 -3.97 18.02
C ILE A 202 -7.60 -4.49 19.11
N LEU A 203 -8.15 -3.62 19.96
CA LEU A 203 -8.99 -4.05 21.06
C LEU A 203 -10.41 -4.51 20.69
N TYR A 204 -11.08 -3.78 19.79
CA TYR A 204 -12.48 -4.02 19.46
C TYR A 204 -12.82 -4.27 18.02
N ARG A 205 -11.83 -4.36 17.11
CA ARG A 205 -12.05 -4.55 15.67
C ARG A 205 -12.91 -3.43 15.11
N LYS A 206 -12.70 -2.21 15.61
CA LYS A 206 -13.40 -1.01 15.14
C LYS A 206 -12.60 -0.41 13.97
N PHE A 207 -13.06 -0.66 12.73
CA PHE A 207 -12.43 -0.17 11.50
C PHE A 207 -13.25 0.96 10.89
N THR A 208 -12.60 2.10 10.66
CA THR A 208 -13.26 3.28 10.10
C THR A 208 -12.25 4.01 9.22
N THR A 209 -12.64 5.17 8.65
CA THR A 209 -11.75 6.02 7.84
C THR A 209 -10.67 6.62 8.78
N GLU A 210 -10.97 6.74 10.10
CA GLU A 210 -10.05 7.24 11.13
C GLU A 210 -9.00 6.17 11.49
N SER A 211 -9.35 4.86 11.43
CA SER A 211 -8.34 3.82 11.67
C SER A 211 -7.45 3.74 10.38
N ASP A 212 -8.03 4.05 9.18
CA ASP A 212 -7.21 4.04 7.96
C ASP A 212 -6.21 5.21 7.99
N VAL A 213 -6.60 6.38 8.55
CA VAL A 213 -5.69 7.54 8.63
C VAL A 213 -4.51 7.22 9.61
N TRP A 214 -4.77 6.41 10.65
CA TRP A 214 -3.74 5.96 11.60
C TRP A 214 -2.73 5.10 10.80
N SER A 215 -3.24 4.14 10.00
CA SER A 215 -2.45 3.25 9.12
C SER A 215 -1.64 4.07 8.12
N PHE A 216 -2.23 5.19 7.60
CA PHE A 216 -1.52 6.08 6.69
C PHE A 216 -0.26 6.67 7.38
N GLY A 217 -0.39 7.05 8.65
CA GLY A 217 0.73 7.59 9.43
C GLY A 217 1.85 6.57 9.54
N VAL A 218 1.47 5.30 9.66
CA VAL A 218 2.42 4.18 9.76
C VAL A 218 3.07 3.98 8.37
N VAL A 219 2.32 4.19 7.27
CA VAL A 219 2.83 4.10 5.88
C VAL A 219 3.91 5.19 5.69
N LEU A 220 3.69 6.41 6.23
CA LEU A 220 4.65 7.52 6.20
C LEU A 220 5.93 7.13 6.90
N TRP A 221 5.81 6.44 8.04
CA TRP A 221 6.95 5.96 8.82
C TRP A 221 7.68 4.87 7.98
N GLU A 222 6.94 3.97 7.32
CA GLU A 222 7.55 2.92 6.47
C GLU A 222 8.32 3.57 5.31
N ILE A 223 7.72 4.59 4.68
CA ILE A 223 8.33 5.31 3.56
C ILE A 223 9.64 5.98 4.00
N PHE A 224 9.62 6.71 5.13
CA PHE A 224 10.80 7.46 5.58
C PHE A 224 11.87 6.59 6.29
N THR A 225 11.59 5.29 6.51
CA THR A 225 12.59 4.36 7.06
C THR A 225 13.03 3.42 5.91
N TYR A 226 12.54 3.67 4.65
CA TYR A 226 12.83 2.85 3.46
C TYR A 226 12.33 1.41 3.60
N GLY A 227 11.11 1.24 4.14
CA GLY A 227 10.47 -0.05 4.27
C GLY A 227 10.69 -0.88 5.52
N LYS A 228 11.24 -0.30 6.60
CA LYS A 228 11.39 -1.08 7.85
C LYS A 228 10.00 -1.46 8.37
N GLN A 229 9.94 -2.60 9.07
CA GLN A 229 8.69 -3.04 9.66
C GLN A 229 8.47 -2.18 10.93
N PRO A 230 7.26 -1.65 11.18
CA PRO A 230 7.02 -0.87 12.40
C PRO A 230 7.15 -1.76 13.62
N TRP A 231 7.86 -1.29 14.67
CA TRP A 231 8.09 -2.04 15.93
C TRP A 231 8.89 -3.32 15.68
N TYR A 232 9.83 -3.29 14.68
CA TYR A 232 10.63 -4.46 14.30
C TYR A 232 11.39 -5.08 15.46
N GLN A 233 11.74 -4.27 16.48
CA GLN A 233 12.46 -4.71 17.69
C GLN A 233 11.55 -5.55 18.59
N LEU A 234 10.23 -5.55 18.31
CA LEU A 234 9.25 -6.25 19.13
C LEU A 234 8.49 -7.39 18.48
N SER A 235 8.09 -8.35 19.31
CA SER A 235 7.26 -9.49 18.92
C SER A 235 5.81 -8.96 18.78
N ASN A 236 4.89 -9.79 18.31
CA ASN A 236 3.50 -9.39 18.13
C ASN A 236 2.79 -8.94 19.42
N THR A 237 3.00 -9.67 20.53
CA THR A 237 2.38 -9.39 21.81
C THR A 237 3.00 -8.16 22.44
N GLU A 238 4.32 -7.96 22.28
CA GLU A 238 4.99 -6.75 22.77
C GLU A 238 4.50 -5.49 21.97
N ALA A 239 4.28 -5.63 20.63
CA ALA A 239 3.78 -4.54 19.76
C ALA A 239 2.34 -4.18 20.16
N ILE A 240 1.47 -5.20 20.42
CA ILE A 240 0.09 -4.97 20.88
C ILE A 240 0.09 -4.15 22.19
N ASP A 241 0.97 -4.51 23.18
CA ASP A 241 1.04 -3.79 24.46
CA ASP A 241 1.06 -3.79 24.46
C ASP A 241 1.49 -2.33 24.26
N CYS A 242 2.54 -2.10 23.48
CA CYS A 242 3.08 -0.77 23.16
C CYS A 242 2.04 0.12 22.52
N ILE A 243 1.34 -0.39 21.49
CA ILE A 243 0.32 0.37 20.76
C ILE A 243 -0.85 0.75 21.67
N THR A 244 -1.43 -0.24 22.37
CA THR A 244 -2.58 0.01 23.27
C THR A 244 -2.18 0.93 24.44
N GLN A 245 -0.89 0.90 24.87
CA GLN A 245 -0.34 1.78 25.93
C GLN A 245 -0.10 3.22 25.42
N GLY A 246 -0.15 3.45 24.11
CA GLY A 246 0.07 4.79 23.55
C GLY A 246 1.48 5.16 23.13
N ARG A 247 2.39 4.16 22.98
CA ARG A 247 3.75 4.43 22.53
C ARG A 247 3.74 4.87 21.07
N GLU A 248 4.59 5.82 20.72
CA GLU A 248 4.62 6.28 19.34
C GLU A 248 5.93 5.85 18.68
N LEU A 249 5.91 5.59 17.39
CA LEU A 249 7.11 5.20 16.64
C LEU A 249 8.06 6.41 16.61
N GLU A 250 9.36 6.16 16.77
CA GLU A 250 10.41 7.17 16.78
C GLU A 250 10.55 7.81 15.42
N ARG A 251 10.98 9.08 15.37
CA ARG A 251 11.18 9.79 14.12
C ARG A 251 12.29 9.13 13.31
N PRO A 252 12.00 8.74 12.06
CA PRO A 252 13.07 8.15 11.21
C PRO A 252 14.19 9.16 10.93
N ARG A 253 15.43 8.67 10.73
CA ARG A 253 16.60 9.50 10.40
C ARG A 253 16.37 10.37 9.15
N ALA A 254 15.74 9.80 8.09
CA ALA A 254 15.46 10.55 6.86
C ALA A 254 14.17 11.36 6.95
N CYS A 255 13.48 11.36 8.11
CA CYS A 255 12.22 12.09 8.24
C CYS A 255 12.38 13.55 8.69
N PRO A 256 12.02 14.57 7.87
CA PRO A 256 12.09 15.96 8.38
C PRO A 256 11.08 16.15 9.53
N PRO A 257 11.33 17.06 10.49
CA PRO A 257 10.37 17.27 11.61
C PRO A 257 8.93 17.54 11.20
N GLU A 258 8.71 18.33 10.11
CA GLU A 258 7.37 18.62 9.60
C GLU A 258 6.65 17.37 9.07
N VAL A 259 7.38 16.33 8.65
CA VAL A 259 6.73 15.12 8.15
C VAL A 259 6.32 14.29 9.40
N TYR A 260 7.12 14.39 10.47
CA TYR A 260 6.83 13.68 11.71
C TYR A 260 5.61 14.27 12.37
N ALA A 261 5.42 15.62 12.27
CA ALA A 261 4.27 16.32 12.83
C ALA A 261 2.97 15.83 12.11
N ILE A 262 3.05 15.47 10.80
CA ILE A 262 1.93 14.92 10.06
C ILE A 262 1.60 13.51 10.62
N MET A 263 2.65 12.68 10.86
CA MET A 263 2.48 11.34 11.42
C MET A 263 1.74 11.42 12.76
N ARG A 264 2.15 12.36 13.63
CA ARG A 264 1.56 12.59 14.94
C ARG A 264 0.12 12.99 14.83
N GLY A 265 -0.24 13.77 13.81
CA GLY A 265 -1.63 14.16 13.58
C GLY A 265 -2.52 12.96 13.23
N CYS A 266 -1.94 11.94 12.57
CA CYS A 266 -2.61 10.68 12.17
C CYS A 266 -2.74 9.79 13.39
N TRP A 267 -1.83 9.95 14.39
CA TRP A 267 -1.73 9.12 15.56
C TRP A 267 -2.37 9.65 16.84
N GLN A 268 -3.32 10.60 16.73
CA GLN A 268 -4.02 11.09 17.91
C GLN A 268 -4.78 9.89 18.51
N ARG A 269 -4.75 9.72 19.85
CA ARG A 269 -5.41 8.57 20.50
C ARG A 269 -6.91 8.49 20.17
N GLU A 270 -7.62 9.60 20.24
CA GLU A 270 -9.06 9.56 19.93
C GLU A 270 -9.24 9.62 18.43
N PRO A 271 -9.99 8.64 17.86
CA PRO A 271 -10.23 8.64 16.39
C PRO A 271 -10.72 9.96 15.79
N GLN A 272 -11.66 10.66 16.44
CA GLN A 272 -12.21 11.95 15.97
C GLN A 272 -11.21 13.11 16.06
N GLN A 273 -10.12 12.96 16.83
CA GLN A 273 -9.11 14.01 16.94
C GLN A 273 -8.05 13.89 15.85
N ARG A 274 -8.03 12.74 15.13
CA ARG A 274 -7.07 12.50 14.05
C ARG A 274 -7.33 13.45 12.87
N HIS A 275 -6.29 13.92 12.19
CA HIS A 275 -6.47 14.81 11.04
C HIS A 275 -7.16 14.03 9.94
N SER A 276 -7.92 14.72 9.07
CA SER A 276 -8.57 14.03 7.96
C SER A 276 -7.50 13.74 6.88
N ILE A 277 -7.72 12.70 6.08
CA ILE A 277 -6.79 12.32 5.03
C ILE A 277 -6.61 13.46 4.00
N LYS A 278 -7.67 14.28 3.80
CA LYS A 278 -7.70 15.44 2.90
C LYS A 278 -6.68 16.50 3.32
N ASP A 279 -6.60 16.83 4.62
CA ASP A 279 -5.64 17.79 5.15
C ASP A 279 -4.22 17.26 5.13
N VAL A 280 -4.05 15.94 5.35
CA VAL A 280 -2.78 15.22 5.35
C VAL A 280 -2.26 15.31 3.90
N HIS A 281 -3.11 14.97 2.91
CA HIS A 281 -2.78 15.02 1.50
C HIS A 281 -2.36 16.46 1.06
N ALA A 282 -3.15 17.50 1.47
CA ALA A 282 -2.87 18.90 1.17
C ALA A 282 -1.54 19.34 1.76
N ARG A 283 -1.22 18.90 2.98
CA ARG A 283 0.05 19.22 3.62
C ARG A 283 1.24 18.55 2.90
N LEU A 284 1.11 17.24 2.54
CA LEU A 284 2.16 16.54 1.79
C LEU A 284 2.38 17.13 0.38
N GLN A 285 1.29 17.55 -0.31
CA GLN A 285 1.34 18.20 -1.64
C GLN A 285 2.05 19.57 -1.52
N ALA A 286 1.74 20.34 -0.44
CA ALA A 286 2.35 21.64 -0.17
C ALA A 286 3.84 21.45 0.15
N LEU A 287 4.22 20.37 0.85
CA LEU A 287 5.64 20.14 1.13
C LEU A 287 6.37 19.68 -0.14
N ALA A 288 5.72 18.84 -0.95
CA ALA A 288 6.31 18.35 -2.21
C ALA A 288 6.58 19.54 -3.16
N GLN A 289 5.58 20.44 -3.34
CA GLN A 289 5.66 21.64 -4.19
C GLN A 289 6.79 22.60 -3.79
N ALA A 290 7.00 22.79 -2.48
CA ALA A 290 8.04 23.66 -1.92
C ALA A 290 9.45 23.05 -2.04
N HIS A 291 9.56 21.75 -2.35
CA HIS A 291 10.84 21.07 -2.47
C HIS A 291 11.20 20.72 -3.94
N HIS A 292 10.25 20.85 -4.89
CA HIS A 292 10.43 20.53 -6.32
C HIS A 292 11.67 21.13 -7.00
N HIS A 293 11.96 22.41 -6.74
CA HIS A 293 13.09 23.10 -7.35
C HIS A 293 14.37 23.06 -6.51
N HIS A 294 14.38 22.25 -5.44
CA HIS A 294 15.54 22.09 -4.54
C HIS A 294 15.83 20.61 -4.19
#